data_5VKA
#
_entry.id   5VKA
#
_cell.length_a   48.583
_cell.length_b   82.098
_cell.length_c   87.766
_cell.angle_alpha   90.000
_cell.angle_beta   90.000
_cell.angle_gamma   90.000
#
_symmetry.space_group_name_H-M   'P 21 21 21'
#
loop_
_entity.id
_entity.type
_entity.pdbx_description
1 polymer '2-oxoglutarate-dependent ethylene/succinate-forming enzyme'
2 non-polymer 'MANGANESE (II) ION'
3 non-polymer '2-OXOGLUTARIC ACID'
4 non-polymer N-OMEGA-HYDROXY-L-ARGININE
5 water water
#
_entity_poly.entity_id   1
_entity_poly.type   'polypeptide(L)'
_entity_poly.pdbx_seq_one_letter_code
;SH(MSE)TNLQTFELPTEVTGCAADISLGRALIQAWQKDGIFQIKTDSEQDRKTQEA(MSE)AASKQFCKEPLTFKSSCV
SDLTYSGYVASGEEVTAGKPDFPEIFTVCKDLSVGDQRVKAGWPCHGPVPWPNNTYQKS(MSE)KTF(MSE)EELGLAGE
RLLKLTALGFELPINTFTDLTRDGWHH(MSE)RVLRFPPQTSTLSRGIGAHTDYGLLVIAAQDDVGGLYIRPPVEGEKRN
RNWLPGESSAG(MSE)FEHDEPWTFVTPTPGVWTVFPGDILQF(MSE)TGGQLLSTPHKVKLNTRERFACAYFHEPNFEA
SAYPLFEPSANERIHYGEHFTN(MSE)F(MSE)RCYPDRITTQRINKENRLAHLEDLKKYSDTRATGS
;
_entity_poly.pdbx_strand_id   A
#
loop_
_chem_comp.id
_chem_comp.type
_chem_comp.name
_chem_comp.formula
AKG non-polymer '2-OXOGLUTARIC ACID' 'C5 H6 O5'
MN non-polymer 'MANGANESE (II) ION' 'Mn 2'
#
# COMPACT_ATOMS: atom_id res chain seq x y z
N ASN A 5 -11.26 -20.19 5.62
CA ASN A 5 -10.03 -20.16 6.39
C ASN A 5 -8.82 -19.97 5.49
N LEU A 6 -8.05 -18.92 5.74
CA LEU A 6 -6.94 -18.57 4.86
C LEU A 6 -5.73 -19.44 5.16
N GLN A 7 -4.88 -19.60 4.15
N GLN A 7 -4.90 -19.63 4.13
CA GLN A 7 -3.61 -20.28 4.33
CA GLN A 7 -3.61 -20.27 4.32
C GLN A 7 -2.63 -19.37 5.04
C GLN A 7 -2.69 -19.34 5.13
N THR A 8 -1.86 -19.96 5.94
CA THR A 8 -0.83 -19.25 6.68
C THR A 8 0.51 -19.93 6.40
N PHE A 9 1.51 -19.14 6.01
CA PHE A 9 2.83 -19.64 5.71
C PHE A 9 3.85 -18.94 6.60
N GLU A 10 4.89 -19.67 6.96
CA GLU A 10 6.09 -19.07 7.53
C GLU A 10 7.10 -18.89 6.42
N LEU A 11 7.63 -17.69 6.30
CA LEU A 11 8.63 -17.42 5.27
C LEU A 11 10.02 -17.70 5.81
N PRO A 12 10.93 -18.22 4.98
CA PRO A 12 12.33 -18.32 5.40
C PRO A 12 12.92 -16.93 5.56
N THR A 13 13.92 -16.80 6.44
CA THR A 13 14.55 -15.49 6.64
C THR A 13 15.22 -15.01 5.37
N GLU A 14 15.95 -15.89 4.69
CA GLU A 14 16.57 -15.58 3.42
C GLU A 14 16.02 -16.51 2.34
N VAL A 15 15.84 -15.96 1.14
CA VAL A 15 15.34 -16.71 0.00
C VAL A 15 16.52 -16.84 -0.96
N THR A 16 16.95 -18.08 -1.20
CA THR A 16 18.12 -18.34 -2.03
C THR A 16 17.79 -18.99 -3.37
N GLY A 17 16.57 -19.48 -3.58
CA GLY A 17 16.25 -20.17 -4.80
C GLY A 17 16.35 -21.68 -4.73
N CYS A 18 16.50 -22.23 -3.53
CA CYS A 18 16.51 -23.68 -3.38
C CYS A 18 15.12 -24.26 -3.65
N ALA A 19 15.04 -25.59 -3.69
CA ALA A 19 13.78 -26.23 -4.05
C ALA A 19 12.67 -25.87 -3.09
N ALA A 20 12.96 -25.74 -1.80
CA ALA A 20 11.93 -25.38 -0.85
C ALA A 20 11.39 -23.98 -1.13
N ASP A 21 12.28 -23.04 -1.49
CA ASP A 21 11.84 -21.69 -1.82
C ASP A 21 10.95 -21.71 -3.05
N ILE A 22 11.33 -22.46 -4.08
CA ILE A 22 10.51 -22.53 -5.28
C ILE A 22 9.14 -23.10 -4.94
N SER A 23 9.12 -24.17 -4.17
CA SER A 23 7.84 -24.76 -3.75
C SER A 23 6.99 -23.75 -3.01
N LEU A 24 7.58 -22.99 -2.08
CA LEU A 24 6.81 -22.00 -1.35
C LEU A 24 6.26 -20.95 -2.30
N GLY A 25 7.08 -20.48 -3.25
CA GLY A 25 6.57 -19.53 -4.23
C GLY A 25 5.39 -20.08 -5.01
N ARG A 26 5.45 -21.35 -5.41
CA ARG A 26 4.30 -21.96 -6.08
C ARG A 26 3.06 -21.90 -5.20
N ALA A 27 3.22 -22.19 -3.91
CA ALA A 27 2.10 -22.21 -2.98
C ALA A 27 1.54 -20.82 -2.75
N LEU A 28 2.39 -19.79 -2.69
CA LEU A 28 1.90 -18.44 -2.51
C LEU A 28 1.06 -18.01 -3.70
N ILE A 29 1.55 -18.27 -4.90
CA ILE A 29 0.77 -17.94 -6.10
C ILE A 29 -0.55 -18.69 -6.09
N GLN A 30 -0.53 -19.97 -5.75
N GLN A 30 -0.52 -19.99 -5.79
CA GLN A 30 -1.77 -20.74 -5.76
CA GLN A 30 -1.75 -20.76 -5.74
C GLN A 30 -2.75 -20.22 -4.72
C GLN A 30 -2.74 -20.15 -4.76
N ALA A 31 -2.26 -19.76 -3.57
CA ALA A 31 -3.15 -19.20 -2.56
C ALA A 31 -3.76 -17.89 -3.04
N TRP A 32 -2.97 -17.03 -3.68
CA TRP A 32 -3.53 -15.81 -4.24
C TRP A 32 -4.54 -16.12 -5.33
N GLN A 33 -4.28 -17.13 -6.15
CA GLN A 33 -5.18 -17.44 -7.27
C GLN A 33 -6.48 -18.06 -6.79
N LYS A 34 -6.48 -18.74 -5.66
CA LYS A 34 -7.70 -19.30 -5.10
C LYS A 34 -8.43 -18.32 -4.19
N ASP A 35 -7.70 -17.75 -3.21
CA ASP A 35 -8.32 -16.96 -2.16
C ASP A 35 -8.13 -15.45 -2.30
N GLY A 36 -7.19 -14.99 -3.11
CA GLY A 36 -6.90 -13.57 -3.21
C GLY A 36 -6.03 -13.01 -2.10
N ILE A 37 -5.60 -13.84 -1.16
CA ILE A 37 -4.93 -13.38 0.05
C ILE A 37 -4.36 -14.60 0.74
N PHE A 38 -3.30 -14.40 1.52
CA PHE A 38 -2.86 -15.40 2.48
C PHE A 38 -2.27 -14.67 3.68
N GLN A 39 -1.96 -15.43 4.72
CA GLN A 39 -1.35 -14.90 5.92
C GLN A 39 0.08 -15.38 6.00
N ILE A 40 0.94 -14.54 6.57
CA ILE A 40 2.28 -14.95 6.93
C ILE A 40 2.46 -14.84 8.44
N LYS A 41 3.08 -15.86 9.01
CA LYS A 41 3.32 -15.90 10.44
C LYS A 41 4.34 -14.82 10.83
N THR A 42 4.10 -14.20 11.98
CA THR A 42 5.06 -13.26 12.52
C THR A 42 5.83 -13.91 13.66
N ASP A 43 7.10 -13.57 13.76
CA ASP A 43 7.92 -13.97 14.89
C ASP A 43 7.80 -12.92 16.01
N SER A 44 8.52 -13.12 17.11
CA SER A 44 8.33 -12.25 18.27
C SER A 44 8.69 -10.80 17.98
N GLU A 45 9.75 -10.57 17.20
CA GLU A 45 10.15 -9.20 16.90
C GLU A 45 9.18 -8.54 15.92
N GLN A 46 8.76 -9.27 14.90
CA GLN A 46 7.76 -8.73 13.98
C GLN A 46 6.49 -8.39 14.73
N ASP A 47 6.05 -9.27 15.62
CA ASP A 47 4.85 -9.00 16.41
C ASP A 47 5.05 -7.81 17.32
N ARG A 48 6.17 -7.74 18.03
CA ARG A 48 6.42 -6.63 18.95
C ARG A 48 6.36 -5.30 18.22
N LYS A 49 7.02 -5.22 17.06
CA LYS A 49 7.03 -3.98 16.30
C LYS A 49 5.63 -3.63 15.79
N THR A 50 4.84 -4.63 15.40
CA THR A 50 3.46 -4.39 15.01
C THR A 50 2.68 -3.78 16.18
N GLN A 51 2.78 -4.41 17.36
CA GLN A 51 2.00 -3.94 18.50
C GLN A 51 2.45 -2.55 18.92
N GLU A 52 3.74 -2.26 18.85
CA GLU A 52 4.20 -0.92 19.23
C GLU A 52 3.69 0.12 18.24
N ALA A 53 3.59 -0.22 16.96
CA ALA A 53 3.02 0.71 16.00
C ALA A 53 1.54 0.96 16.29
N MSE A 54 0.80 -0.09 16.61
N MSE A 54 0.80 -0.09 16.60
CA MSE A 54 -0.62 0.04 16.90
CA MSE A 54 -0.60 0.05 16.91
C MSE A 54 -0.82 0.92 18.14
C MSE A 54 -0.78 0.96 18.13
O MSE A 54 -1.75 1.72 18.22
O MSE A 54 -1.65 1.83 18.15
CB MSE A 54 -1.27 -1.34 17.14
CB MSE A 54 -1.22 -1.32 17.19
CG MSE A 54 -1.25 -2.32 15.94
CG MSE A 54 -1.23 -2.26 16.00
SE MSE A 54 -2.93 -2.55 14.92
SE MSE A 54 -2.48 -1.69 14.63
CE MSE A 54 -2.20 -3.55 13.42
CE MSE A 54 -3.62 -3.28 14.64
H MSE A 54 1.10 -0.90 16.66
H MSE A 54 1.10 -0.90 16.65
HA MSE A 54 -1.07 0.45 16.15
HA MSE A 54 -1.06 0.45 16.15
HB2 MSE A 54 -0.81 -1.77 17.87
HB2 MSE A 54 -0.71 -1.75 17.90
HB3 MSE A 54 -2.19 -1.21 17.38
HB3 MSE A 54 -2.14 -1.20 17.48
HG2 MSE A 54 -0.57 -2.02 15.31
HG2 MSE A 54 -0.34 -2.28 15.61
HG3 MSE A 54 -1.00 -3.20 16.28
HG3 MSE A 54 -1.49 -3.15 16.30
HE1 MSE A 54 -2.92 -3.75 12.80
HE1 MSE A 54 -4.33 -3.16 13.98
HE2 MSE A 54 -1.52 -3.01 12.98
HE2 MSE A 54 -3.09 -4.06 14.42
HE3 MSE A 54 -1.81 -4.37 13.74
HE3 MSE A 54 -4.00 -3.38 15.52
N ALA A 55 0.06 0.74 19.13
CA ALA A 55 -0.02 1.55 20.35
C ALA A 55 0.28 3.01 20.05
N ALA A 56 1.30 3.28 19.23
CA ALA A 56 1.62 4.65 18.88
C ALA A 56 0.47 5.30 18.12
N SER A 57 -0.19 4.52 17.26
CA SER A 57 -1.33 5.03 16.52
C SER A 57 -2.47 5.41 17.46
N LYS A 58 -2.76 4.53 18.42
CA LYS A 58 -3.83 4.82 19.37
C LYS A 58 -3.55 6.10 20.16
N GLN A 59 -2.29 6.29 20.55
CA GLN A 59 -1.95 7.50 21.30
C GLN A 59 -2.06 8.75 20.44
N PHE A 60 -1.58 8.69 19.20
CA PHE A 60 -1.72 9.83 18.31
C PHE A 60 -3.18 10.20 18.07
N CYS A 61 -4.04 9.19 17.88
CA CYS A 61 -5.42 9.51 17.55
C CYS A 61 -6.16 10.18 18.70
N LYS A 62 -5.67 10.02 19.93
CA LYS A 62 -6.26 10.72 21.06
C LYS A 62 -5.92 12.21 21.09
N GLU A 63 -4.97 12.67 20.27
CA GLU A 63 -4.59 14.06 20.28
C GLU A 63 -5.70 14.92 19.68
N PRO A 64 -5.71 16.22 19.97
N PRO A 64 -5.71 16.21 19.98
CA PRO A 64 -6.76 17.08 19.43
CA PRO A 64 -6.75 17.08 19.42
C PRO A 64 -6.69 17.16 17.91
C PRO A 64 -6.69 17.12 17.90
N LEU A 65 -7.87 17.27 17.30
CA LEU A 65 -7.98 17.31 15.85
C LEU A 65 -7.12 18.40 15.24
N THR A 66 -7.06 19.58 15.87
N THR A 66 -7.05 19.57 15.89
CA THR A 66 -6.23 20.65 15.34
CA THR A 66 -6.22 20.66 15.34
C THR A 66 -4.78 20.19 15.23
C THR A 66 -4.77 20.25 15.26
N PHE A 67 -4.27 19.52 16.27
CA PHE A 67 -2.90 19.06 16.21
C PHE A 67 -2.74 17.99 15.14
N LYS A 68 -3.64 17.01 15.10
CA LYS A 68 -3.52 15.97 14.10
C LYS A 68 -3.51 16.56 12.69
N SER A 69 -4.43 17.51 12.45
CA SER A 69 -4.56 18.16 11.15
C SER A 69 -3.37 19.00 10.78
N SER A 70 -2.56 19.39 11.75
CA SER A 70 -1.35 20.16 11.46
C SER A 70 -0.25 19.28 10.88
N CYS A 71 -0.39 17.96 10.98
CA CYS A 71 0.64 17.05 10.52
C CYS A 71 0.38 16.77 9.04
N VAL A 72 0.68 17.79 8.24
N VAL A 72 0.71 17.76 8.21
CA VAL A 72 0.45 17.75 6.80
CA VAL A 72 0.41 17.75 6.79
C VAL A 72 1.63 18.43 6.13
C VAL A 72 1.50 18.54 6.09
N SER A 73 1.77 18.17 4.83
CA SER A 73 2.84 18.74 4.04
C SER A 73 2.28 19.08 2.67
N ASP A 74 2.73 20.19 2.10
CA ASP A 74 2.37 20.46 0.72
C ASP A 74 3.40 19.92 -0.27
N LEU A 75 4.38 19.14 0.19
CA LEU A 75 5.37 18.48 -0.67
C LEU A 75 5.14 16.99 -0.81
N THR A 76 4.76 16.32 0.28
CA THR A 76 4.50 14.90 0.30
C THR A 76 3.08 14.69 0.79
N TYR A 77 2.48 13.57 0.36
CA TYR A 77 1.20 13.16 0.87
C TYR A 77 1.27 12.56 2.27
N SER A 78 2.47 12.37 2.81
CA SER A 78 2.58 11.87 4.17
C SER A 78 1.84 12.77 5.15
N GLY A 79 1.31 12.15 6.20
CA GLY A 79 0.64 12.86 7.26
C GLY A 79 -0.81 12.50 7.40
N TYR A 80 -1.55 13.36 8.06
CA TYR A 80 -2.86 13.03 8.57
C TYR A 80 -3.96 13.21 7.54
N VAL A 81 -4.94 12.31 7.60
CA VAL A 81 -6.18 12.35 6.83
C VAL A 81 -7.30 12.23 7.86
N ALA A 82 -8.19 13.21 7.89
CA ALA A 82 -9.29 13.15 8.83
C ALA A 82 -10.35 12.16 8.38
N SER A 83 -11.11 11.65 9.36
CA SER A 83 -12.28 10.86 9.04
C SER A 83 -13.22 11.65 8.13
N GLY A 84 -13.59 11.06 7.01
CA GLY A 84 -14.44 11.72 6.04
C GLY A 84 -13.70 12.50 4.97
N GLU A 85 -12.37 12.58 5.03
CA GLU A 85 -11.58 13.39 4.11
C GLU A 85 -11.24 12.66 2.81
N GLU A 86 -10.77 11.42 2.88
CA GLU A 86 -10.42 10.71 1.67
C GLU A 86 -11.70 10.37 0.89
N VAL A 87 -11.55 10.33 -0.44
N VAL A 87 -11.59 10.34 -0.43
CA VAL A 87 -12.63 9.99 -1.36
CA VAL A 87 -12.71 9.95 -1.28
C VAL A 87 -12.26 8.67 -2.06
C VAL A 87 -12.33 8.73 -2.10
N THR A 88 -13.21 7.74 -2.08
CA THR A 88 -13.12 6.52 -2.89
C THR A 88 -14.41 6.42 -3.69
N ALA A 89 -14.30 6.36 -5.01
CA ALA A 89 -15.48 6.21 -5.86
C ALA A 89 -16.53 7.28 -5.55
N GLY A 90 -16.07 8.52 -5.40
CA GLY A 90 -16.95 9.66 -5.19
C GLY A 90 -17.57 9.77 -3.82
N LYS A 91 -17.21 8.92 -2.86
CA LYS A 91 -17.81 8.93 -1.55
C LYS A 91 -16.73 9.02 -0.47
N PRO A 92 -16.97 9.78 0.60
N PRO A 92 -17.03 9.68 0.65
CA PRO A 92 -15.97 9.86 1.68
CA PRO A 92 -16.02 9.83 1.70
C PRO A 92 -15.76 8.52 2.38
C PRO A 92 -15.78 8.52 2.44
N ASP A 93 -14.51 8.26 2.75
CA ASP A 93 -14.14 7.14 3.60
C ASP A 93 -14.01 7.66 5.04
N PHE A 94 -14.27 6.79 6.00
CA PHE A 94 -14.33 7.25 7.38
C PHE A 94 -13.19 6.92 8.35
N PRO A 95 -12.09 6.26 7.99
CA PRO A 95 -11.00 6.17 8.97
C PRO A 95 -10.28 7.49 9.06
N GLU A 96 -9.68 7.71 10.22
N GLU A 96 -9.64 7.73 10.19
CA GLU A 96 -8.53 8.60 10.34
CA GLU A 96 -8.57 8.71 10.22
C GLU A 96 -7.31 7.84 9.86
C GLU A 96 -7.27 7.95 10.00
N ILE A 97 -6.39 8.56 9.24
CA ILE A 97 -5.20 7.92 8.68
C ILE A 97 -3.99 8.78 8.94
N PHE A 98 -2.86 8.12 9.17
CA PHE A 98 -1.56 8.77 9.03
C PHE A 98 -0.78 7.99 7.97
N THR A 99 -0.44 8.68 6.87
CA THR A 99 0.28 8.05 5.78
C THR A 99 1.76 8.34 5.92
N VAL A 100 2.57 7.29 5.82
CA VAL A 100 4.02 7.43 5.86
C VAL A 100 4.56 7.06 4.50
N CYS A 101 5.03 8.06 3.75
CA CYS A 101 5.80 7.83 2.54
C CYS A 101 7.28 8.03 2.85
N LYS A 102 8.12 7.80 1.82
CA LYS A 102 9.56 7.94 1.94
C LYS A 102 9.91 9.29 2.56
N ASP A 103 10.71 9.26 3.63
CA ASP A 103 10.90 10.44 4.47
C ASP A 103 12.10 11.20 3.95
N LEU A 104 11.87 12.22 3.13
CA LEU A 104 12.94 12.96 2.46
C LEU A 104 12.94 14.42 2.91
N SER A 105 14.07 14.87 3.44
CA SER A 105 14.17 16.27 3.86
C SER A 105 14.31 17.18 2.65
N VAL A 106 14.21 18.48 2.91
CA VAL A 106 14.43 19.49 1.87
C VAL A 106 15.88 19.56 1.44
N GLY A 107 16.76 18.83 2.11
CA GLY A 107 18.11 18.64 1.61
C GLY A 107 18.25 17.58 0.54
N ASP A 108 17.22 16.76 0.30
CA ASP A 108 17.30 15.73 -0.71
C ASP A 108 17.15 16.35 -2.11
N GLN A 109 17.97 15.86 -3.05
N GLN A 109 17.96 15.88 -3.06
CA GLN A 109 18.00 16.44 -4.39
CA GLN A 109 17.95 16.53 -4.38
C GLN A 109 16.66 16.33 -5.12
C GLN A 109 16.61 16.37 -5.09
N ARG A 110 15.89 15.28 -4.86
CA ARG A 110 14.59 15.13 -5.52
C ARG A 110 13.60 16.17 -5.01
N VAL A 111 13.68 16.46 -3.71
CA VAL A 111 12.81 17.48 -3.12
C VAL A 111 13.21 18.85 -3.63
N LYS A 112 14.50 19.13 -3.70
CA LYS A 112 14.93 20.41 -4.25
C LYS A 112 14.47 20.58 -5.70
N ALA A 113 14.45 19.50 -6.47
CA ALA A 113 13.99 19.51 -7.85
C ALA A 113 12.48 19.60 -7.99
N GLY A 114 11.72 19.57 -6.88
CA GLY A 114 10.29 19.68 -6.97
C GLY A 114 9.57 18.47 -7.50
N TRP A 115 10.15 17.28 -7.34
CA TRP A 115 9.48 16.06 -7.79
C TRP A 115 8.17 15.89 -7.04
N PRO A 116 7.07 15.58 -7.71
CA PRO A 116 5.81 15.42 -7.00
C PRO A 116 5.93 14.32 -5.96
N CYS A 117 5.32 14.57 -4.80
CA CYS A 117 5.11 13.63 -3.72
C CYS A 117 6.36 13.43 -2.88
N HIS A 118 7.47 14.11 -3.17
CA HIS A 118 8.72 13.93 -2.44
C HIS A 118 8.86 15.00 -1.36
N GLY A 119 9.00 14.60 -0.11
CA GLY A 119 9.18 15.53 0.97
C GLY A 119 9.15 14.84 2.31
N PRO A 120 9.23 15.60 3.39
CA PRO A 120 9.45 15.01 4.71
C PRO A 120 8.16 14.66 5.40
N VAL A 121 8.16 13.51 6.09
CA VAL A 121 6.96 13.10 6.82
C VAL A 121 6.71 14.08 7.96
N PRO A 122 5.49 14.57 8.13
CA PRO A 122 5.20 15.52 9.25
C PRO A 122 4.90 14.72 10.50
N TRP A 123 5.93 14.08 11.03
CA TRP A 123 5.74 13.18 12.15
C TRP A 123 5.10 13.91 13.32
N PRO A 124 4.20 13.26 14.07
CA PRO A 124 3.66 13.95 15.23
C PRO A 124 4.68 14.12 16.35
N ASN A 125 5.56 13.16 16.51
CA ASN A 125 6.68 13.25 17.43
C ASN A 125 7.67 12.16 17.05
N ASN A 126 8.81 12.17 17.74
CA ASN A 126 9.90 11.30 17.35
C ASN A 126 9.71 9.86 17.83
N THR A 127 8.96 9.62 18.90
N THR A 127 8.96 9.65 18.91
CA THR A 127 8.68 8.23 19.26
CA THR A 127 8.63 8.29 19.31
C THR A 127 7.77 7.59 18.22
C THR A 127 7.78 7.61 18.24
N TYR A 128 6.79 8.34 17.71
CA TYR A 128 5.96 7.81 16.63
C TYR A 128 6.79 7.52 15.40
N GLN A 129 7.68 8.45 15.03
CA GLN A 129 8.60 8.26 13.92
C GLN A 129 9.37 6.95 14.08
N LYS A 130 10.01 6.76 15.24
CA LYS A 130 10.84 5.57 15.42
C LYS A 130 10.00 4.30 15.33
N SER A 131 8.83 4.30 15.94
CA SER A 131 7.98 3.11 15.89
C SER A 131 7.59 2.77 14.46
N MSE A 132 7.23 3.76 13.66
CA MSE A 132 6.79 3.48 12.32
C MSE A 132 7.96 3.07 11.43
O MSE A 132 7.81 2.13 10.62
CB MSE A 132 6.02 4.65 11.71
CG MSE A 132 4.79 5.00 12.50
SE MSE A 132 3.67 3.49 13.00
CE MSE A 132 2.41 4.41 14.15
H MSE A 132 7.24 4.60 13.89
HA MSE A 132 6.18 2.72 12.37
HB2 MSE A 132 6.60 5.42 11.69
HB3 MSE A 132 5.75 4.40 10.82
HG2 MSE A 132 5.06 5.45 13.33
HG3 MSE A 132 4.24 5.60 11.97
HE1 MSE A 132 1.77 3.76 14.49
HE2 MSE A 132 2.89 4.81 14.88
HE3 MSE A 132 1.96 5.09 13.63
N LYS A 133 9.10 3.73 11.55
N LYS A 133 9.10 3.75 11.56
CA LYS A 133 10.24 3.36 10.73
CA LYS A 133 10.26 3.38 10.77
C LYS A 133 10.73 1.95 11.07
C LYS A 133 10.70 1.96 11.07
N THR A 134 10.76 1.60 12.36
CA THR A 134 11.19 0.26 12.73
C THR A 134 10.24 -0.80 12.17
N PHE A 135 8.95 -0.54 12.26
CA PHE A 135 7.95 -1.46 11.72
C PHE A 135 8.13 -1.60 10.21
N MSE A 136 8.26 -0.48 9.51
CA MSE A 136 8.42 -0.50 8.07
C MSE A 136 9.70 -1.20 7.62
O MSE A 136 9.73 -1.81 6.55
CB MSE A 136 8.33 0.90 7.49
CG MSE A 136 6.94 1.44 7.61
SE MSE A 136 6.77 3.26 7.03
CE MSE A 136 6.89 2.98 5.10
H MSE A 136 8.27 0.31 9.85
HA MSE A 136 7.67 -1.00 7.70
HB2 MSE A 136 8.93 1.48 7.98
HB3 MSE A 136 8.57 0.87 6.55
HG2 MSE A 136 6.36 0.90 7.07
HG3 MSE A 136 6.68 1.40 8.54
HE1 MSE A 136 6.81 3.83 4.65
HE2 MSE A 136 7.75 2.57 4.90
HE3 MSE A 136 6.16 2.40 4.83
N GLU A 137 10.77 -1.14 8.42
N GLU A 137 10.77 -1.15 8.42
CA GLU A 137 11.98 -1.89 8.09
CA GLU A 137 11.98 -1.90 8.06
C GLU A 137 11.69 -3.39 8.07
C GLU A 137 11.69 -3.40 8.06
N GLU A 138 10.97 -3.87 9.08
CA GLU A 138 10.59 -5.28 9.15
C GLU A 138 9.65 -5.64 8.01
N LEU A 139 8.65 -4.80 7.75
CA LEU A 139 7.72 -5.06 6.66
C LEU A 139 8.44 -5.14 5.34
N GLY A 140 9.45 -4.28 5.13
CA GLY A 140 10.18 -4.31 3.87
C GLY A 140 10.98 -5.59 3.71
N LEU A 141 11.57 -6.09 4.79
CA LEU A 141 12.26 -7.37 4.71
C LEU A 141 11.32 -8.46 4.25
N ALA A 142 10.10 -8.47 4.78
CA ALA A 142 9.11 -9.46 4.35
C ALA A 142 8.72 -9.23 2.90
N GLY A 143 8.54 -7.98 2.50
CA GLY A 143 8.20 -7.70 1.12
C GLY A 143 9.22 -8.24 0.15
N GLU A 144 10.50 -8.09 0.47
CA GLU A 144 11.54 -8.57 -0.41
C GLU A 144 11.54 -10.10 -0.48
N ARG A 145 11.35 -10.76 0.67
CA ARG A 145 11.22 -12.22 0.65
C ARG A 145 10.08 -12.64 -0.26
N LEU A 146 8.92 -12.00 -0.10
CA LEU A 146 7.74 -12.36 -0.88
C LEU A 146 7.98 -12.16 -2.37
N LEU A 147 8.67 -11.08 -2.74
CA LEU A 147 8.91 -10.83 -4.16
C LEU A 147 9.88 -11.83 -4.76
N LYS A 148 10.88 -12.28 -4.01
CA LYS A 148 11.76 -13.32 -4.53
C LYS A 148 11.02 -14.64 -4.69
N LEU A 149 10.20 -14.99 -3.69
CA LEU A 149 9.39 -16.21 -3.78
C LEU A 149 8.41 -16.14 -4.94
N THR A 150 7.77 -14.99 -5.16
CA THR A 150 6.83 -14.87 -6.27
C THR A 150 7.53 -15.07 -7.60
N ALA A 151 8.70 -14.44 -7.78
CA ALA A 151 9.47 -14.66 -9.00
C ALA A 151 9.77 -16.15 -9.20
N LEU A 152 10.24 -16.81 -8.16
CA LEU A 152 10.55 -18.24 -8.28
C LEU A 152 9.33 -19.04 -8.65
N GLY A 153 8.17 -18.68 -8.08
CA GLY A 153 6.95 -19.43 -8.35
C GLY A 153 6.50 -19.30 -9.79
N PHE A 154 6.85 -18.21 -10.45
CA PHE A 154 6.56 -18.01 -11.87
C PHE A 154 7.70 -18.45 -12.77
N GLU A 155 8.71 -19.11 -12.24
CA GLU A 155 9.85 -19.56 -13.04
C GLU A 155 10.60 -18.40 -13.67
N LEU A 156 10.65 -17.30 -12.96
CA LEU A 156 11.39 -16.12 -13.37
C LEU A 156 12.69 -16.02 -12.59
N PRO A 157 13.66 -15.28 -13.13
CA PRO A 157 14.85 -15.00 -12.35
C PRO A 157 14.47 -14.42 -10.99
N ILE A 158 15.18 -14.86 -9.96
CA ILE A 158 14.80 -14.56 -8.57
C ILE A 158 14.70 -13.07 -8.30
N ASN A 159 15.51 -12.25 -8.96
CA ASN A 159 15.56 -10.81 -8.72
C ASN A 159 14.60 -10.03 -9.62
N THR A 160 13.69 -10.69 -10.32
CA THR A 160 12.89 -10.00 -11.32
C THR A 160 12.14 -8.81 -10.72
N PHE A 161 11.49 -9.03 -9.57
CA PHE A 161 10.71 -7.95 -8.98
C PHE A 161 11.56 -7.09 -8.06
N THR A 162 12.48 -7.69 -7.30
CA THR A 162 13.33 -6.87 -6.44
C THR A 162 14.22 -5.93 -7.24
N ASP A 163 14.51 -6.22 -8.51
CA ASP A 163 15.27 -5.29 -9.34
C ASP A 163 14.50 -3.99 -9.58
N LEU A 164 13.20 -3.98 -9.31
CA LEU A 164 12.40 -2.78 -9.44
C LEU A 164 12.19 -2.04 -8.12
N THR A 165 12.56 -2.62 -6.98
CA THR A 165 12.23 -2.07 -5.67
C THR A 165 13.44 -1.51 -4.94
N ARG A 166 14.58 -1.33 -5.62
CA ARG A 166 15.68 -0.65 -4.97
C ARG A 166 15.26 0.79 -4.71
N ASP A 167 15.46 1.24 -3.48
CA ASP A 167 14.93 2.53 -3.03
C ASP A 167 13.44 2.64 -3.37
N GLY A 168 12.73 1.53 -3.18
CA GLY A 168 11.34 1.48 -3.57
C GLY A 168 10.50 2.49 -2.82
N TRP A 169 9.39 2.89 -3.42
CA TRP A 169 8.50 3.91 -2.88
C TRP A 169 7.56 3.30 -1.84
N HIS A 170 8.11 2.56 -0.89
CA HIS A 170 7.29 1.89 0.11
C HIS A 170 6.58 2.93 0.95
N HIS A 171 5.37 2.62 1.36
CA HIS A 171 4.62 3.55 2.19
C HIS A 171 3.63 2.77 3.02
N MSE A 172 2.99 3.45 3.96
CA MSE A 172 2.10 2.77 4.90
C MSE A 172 0.98 3.70 5.30
O MSE A 172 1.18 4.89 5.51
CB MSE A 172 2.87 2.30 6.12
CG MSE A 172 2.01 1.58 7.16
SE MSE A 172 3.07 0.62 8.51
CE MSE A 172 3.83 2.16 9.41
H MSE A 172 3.06 4.29 4.08
HA MSE A 172 1.73 1.99 4.46
HB2 MSE A 172 3.57 1.69 5.84
HB3 MSE A 172 3.28 3.07 6.55
HG2 MSE A 172 1.48 2.24 7.63
HG3 MSE A 172 1.45 0.94 6.71
HE1 MSE A 172 4.40 1.85 10.13
HE2 MSE A 172 4.35 2.67 8.77
HE3 MSE A 172 3.11 2.70 9.77
N ARG A 173 -0.21 3.12 5.45
CA ARG A 173 -1.38 3.79 5.98
C ARG A 173 -1.63 3.24 7.36
N VAL A 174 -1.60 4.12 8.35
CA VAL A 174 -1.82 3.79 9.75
C VAL A 174 -3.24 4.26 10.08
N LEU A 175 -4.15 3.32 10.32
CA LEU A 175 -5.59 3.60 10.25
C LEU A 175 -6.26 3.41 11.61
N ARG A 176 -7.22 4.29 11.89
CA ARG A 176 -8.19 4.07 12.96
C ARG A 176 -9.58 4.29 12.38
N PHE A 177 -10.38 3.26 12.42
CA PHE A 177 -11.78 3.34 12.04
C PHE A 177 -12.65 3.62 13.26
N PRO A 178 -13.51 4.62 13.21
CA PRO A 178 -14.41 4.87 14.34
C PRO A 178 -15.43 3.75 14.44
N PRO A 179 -16.10 3.60 15.59
CA PRO A 179 -17.27 2.74 15.62
C PRO A 179 -18.35 3.34 14.74
N GLN A 180 -19.20 2.48 14.22
CA GLN A 180 -20.32 3.01 13.46
C GLN A 180 -21.21 3.83 14.39
N THR A 181 -21.61 5.03 13.94
CA THR A 181 -22.41 5.96 14.74
C THR A 181 -23.70 6.39 14.06
N SER A 182 -23.79 6.27 12.75
CA SER A 182 -24.98 6.61 11.99
C SER A 182 -25.47 5.36 11.27
N THR A 183 -26.44 5.54 10.38
CA THR A 183 -26.89 4.45 9.53
C THR A 183 -25.83 4.02 8.52
N LEU A 184 -24.76 4.78 8.37
CA LEU A 184 -23.72 4.48 7.39
C LEU A 184 -22.71 3.51 7.99
N SER A 185 -22.52 2.36 7.33
CA SER A 185 -21.56 1.37 7.79
C SER A 185 -20.25 1.42 7.04
N ARG A 186 -20.13 2.28 6.04
CA ARG A 186 -18.98 2.30 5.15
C ARG A 186 -17.73 2.77 5.90
N GLY A 187 -16.69 1.95 5.88
CA GLY A 187 -15.39 2.39 6.36
C GLY A 187 -14.56 2.92 5.22
N ILE A 188 -14.14 2.01 4.34
CA ILE A 188 -13.52 2.36 3.06
C ILE A 188 -14.27 1.63 1.97
N GLY A 189 -14.54 2.31 0.87
CA GLY A 189 -15.17 1.67 -0.27
C GLY A 189 -14.28 0.64 -0.92
N ALA A 190 -14.90 -0.24 -1.71
CA ALA A 190 -14.14 -1.19 -2.50
C ALA A 190 -13.10 -0.50 -3.38
N HIS A 191 -11.91 -1.09 -3.41
CA HIS A 191 -10.81 -0.53 -4.19
C HIS A 191 -9.72 -1.59 -4.28
N THR A 192 -8.74 -1.30 -5.12
CA THR A 192 -7.48 -2.01 -5.14
C THR A 192 -6.34 -1.04 -4.85
N ASP A 193 -5.25 -1.54 -4.28
CA ASP A 193 -4.06 -0.75 -4.04
C ASP A 193 -3.08 -0.90 -5.20
N TYR A 194 -2.00 -0.12 -5.17
CA TYR A 194 -1.41 0.40 -6.39
C TYR A 194 -0.07 -0.21 -6.77
N GLY A 195 0.61 -0.89 -5.85
CA GLY A 195 1.98 -1.30 -6.06
C GLY A 195 2.11 -2.78 -6.26
N LEU A 196 3.16 -3.37 -5.72
CA LEU A 196 3.41 -4.80 -5.89
C LEU A 196 2.65 -5.62 -4.86
N LEU A 197 2.85 -5.33 -3.57
CA LEU A 197 2.28 -6.11 -2.51
C LEU A 197 1.66 -5.19 -1.49
N VAL A 198 0.63 -5.68 -0.84
CA VAL A 198 0.07 -5.08 0.35
C VAL A 198 0.25 -6.07 1.50
N ILE A 199 0.94 -5.63 2.54
CA ILE A 199 1.12 -6.41 3.75
C ILE A 199 0.38 -5.67 4.85
N ALA A 200 -0.57 -6.32 5.52
CA ALA A 200 -1.43 -5.61 6.45
C ALA A 200 -1.50 -6.33 7.79
N ALA A 201 -1.78 -5.52 8.82
CA ALA A 201 -1.98 -5.99 10.17
C ALA A 201 -3.26 -5.35 10.71
N GLN A 202 -3.91 -6.02 11.65
CA GLN A 202 -5.11 -5.47 12.26
C GLN A 202 -5.20 -5.91 13.71
N ASP A 203 -6.00 -5.18 14.48
CA ASP A 203 -6.29 -5.59 15.86
C ASP A 203 -7.40 -6.64 15.88
N ASP A 204 -8.06 -6.82 17.04
CA ASP A 204 -9.02 -7.90 17.24
C ASP A 204 -10.43 -7.57 16.76
N VAL A 205 -10.71 -6.35 16.33
CA VAL A 205 -12.10 -5.93 16.15
C VAL A 205 -12.73 -6.55 14.91
N GLY A 206 -12.06 -6.45 13.76
CA GLY A 206 -12.59 -7.00 12.54
C GLY A 206 -13.35 -6.00 11.68
N GLY A 207 -13.19 -6.10 10.36
CA GLY A 207 -13.90 -5.24 9.44
C GLY A 207 -13.39 -5.28 8.00
N LEU A 208 -12.27 -5.95 7.74
CA LEU A 208 -11.71 -6.04 6.39
C LEU A 208 -12.34 -7.20 5.63
N TYR A 209 -12.78 -6.91 4.41
CA TYR A 209 -13.29 -7.90 3.48
C TYR A 209 -12.49 -7.82 2.20
N ILE A 210 -12.23 -8.97 1.60
CA ILE A 210 -11.50 -9.06 0.33
C ILE A 210 -12.29 -9.90 -0.66
N ARG A 211 -12.10 -9.61 -1.96
CA ARG A 211 -12.76 -10.35 -3.03
C ARG A 211 -11.78 -11.33 -3.65
N PRO A 212 -12.04 -12.64 -3.60
CA PRO A 212 -11.15 -13.59 -4.26
C PRO A 212 -11.32 -13.51 -5.77
N PRO A 213 -10.39 -14.10 -6.51
CA PRO A 213 -10.60 -14.22 -7.96
C PRO A 213 -11.89 -14.99 -8.21
N VAL A 214 -12.64 -14.52 -9.20
CA VAL A 214 -13.92 -15.11 -9.59
C VAL A 214 -13.79 -15.54 -11.05
N GLU A 215 -13.97 -16.83 -11.29
CA GLU A 215 -13.81 -17.36 -12.64
C GLU A 215 -14.67 -16.60 -13.64
N GLY A 216 -14.03 -16.11 -14.70
CA GLY A 216 -14.71 -15.39 -15.76
C GLY A 216 -14.92 -13.90 -15.52
N GLU A 217 -14.69 -13.41 -14.30
CA GLU A 217 -15.00 -12.03 -13.97
C GLU A 217 -13.88 -11.11 -14.44
N LYS A 218 -14.22 -10.18 -15.34
CA LYS A 218 -13.27 -9.21 -15.86
C LYS A 218 -12.89 -8.24 -14.76
N ARG A 219 -11.62 -7.85 -14.72
CA ARG A 219 -11.14 -6.90 -13.73
C ARG A 219 -10.56 -5.67 -14.40
N ASN A 220 -11.01 -4.52 -13.92
CA ASN A 220 -10.49 -3.25 -14.40
C ASN A 220 -9.00 -3.14 -14.14
N ARG A 221 -8.32 -2.42 -15.02
CA ARG A 221 -6.91 -2.12 -14.91
C ARG A 221 -6.82 -0.73 -14.30
N ASN A 222 -6.68 -0.67 -12.98
CA ASN A 222 -6.79 0.58 -12.26
C ASN A 222 -5.69 1.57 -12.60
N TRP A 223 -4.64 1.15 -13.33
CA TRP A 223 -3.62 2.06 -13.80
C TRP A 223 -4.05 2.85 -15.03
N LEU A 224 -5.17 2.50 -15.61
CA LEU A 224 -5.68 3.24 -16.76
C LEU A 224 -6.76 4.21 -16.30
N PRO A 225 -6.70 5.49 -16.70
CA PRO A 225 -7.74 6.43 -16.25
C PRO A 225 -9.14 6.00 -16.62
N GLY A 226 -9.28 5.24 -17.70
CA GLY A 226 -10.58 4.74 -18.08
C GLY A 226 -11.06 3.48 -17.39
N GLU A 227 -10.30 2.91 -16.45
CA GLU A 227 -10.69 1.66 -15.79
C GLU A 227 -10.36 1.69 -14.30
N SER A 228 -10.80 2.74 -13.60
CA SER A 228 -10.61 2.75 -12.15
C SER A 228 -11.30 1.55 -11.53
N SER A 229 -10.65 0.93 -10.53
CA SER A 229 -11.26 -0.13 -9.75
C SER A 229 -12.02 0.38 -8.53
N ALA A 230 -12.00 1.68 -8.28
CA ALA A 230 -12.70 2.21 -7.11
C ALA A 230 -14.19 1.96 -7.24
N GLY A 231 -14.78 1.38 -6.19
CA GLY A 231 -16.19 1.09 -6.14
C GLY A 231 -16.61 -0.18 -6.83
N MSE A 232 -15.75 -0.77 -7.65
CA MSE A 232 -16.18 -1.91 -8.44
C MSE A 232 -16.47 -3.08 -7.52
O MSE A 232 -15.68 -3.41 -6.63
CB MSE A 232 -15.14 -2.27 -9.52
CG MSE A 232 -14.84 -1.15 -10.55
SE MSE A 232 -16.30 -0.55 -11.69
CE MSE A 232 -17.21 -2.25 -11.85
H MSE A 232 -14.93 -0.54 -7.75
HA MSE A 232 -17.00 -1.66 -8.90
HB2 MSE A 232 -14.30 -2.49 -9.07
HB3 MSE A 232 -15.46 -3.04 -10.01
HG2 MSE A 232 -14.52 -0.38 -10.06
HG3 MSE A 232 -14.13 -1.47 -11.13
HE1 MSE A 232 -18.00 -2.13 -12.40
HE2 MSE A 232 -16.62 -2.89 -12.26
HE3 MSE A 232 -17.47 -2.55 -10.97
N PHE A 233 -17.63 -3.72 -7.74
CA PHE A 233 -18.10 -4.89 -7.02
C PHE A 233 -18.58 -4.62 -5.59
N GLU A 234 -18.71 -3.36 -5.19
CA GLU A 234 -19.00 -3.02 -3.80
C GLU A 234 -20.10 -3.89 -3.20
N HIS A 235 -21.22 -4.05 -3.88
CA HIS A 235 -22.38 -4.72 -3.30
C HIS A 235 -22.63 -6.10 -3.89
N ASP A 236 -21.67 -6.65 -4.62
CA ASP A 236 -21.81 -7.97 -5.23
C ASP A 236 -20.95 -8.96 -4.46
N GLU A 237 -21.53 -10.12 -4.15
CA GLU A 237 -20.72 -11.20 -3.63
C GLU A 237 -19.81 -11.73 -4.74
N PRO A 238 -18.73 -12.44 -4.39
CA PRO A 238 -18.30 -12.83 -3.05
C PRO A 238 -17.37 -11.82 -2.36
N TRP A 239 -17.53 -11.68 -1.05
CA TRP A 239 -16.61 -10.91 -0.22
C TRP A 239 -16.25 -11.80 0.96
N THR A 240 -14.95 -12.03 1.15
CA THR A 240 -14.43 -12.85 2.23
C THR A 240 -14.05 -12.00 3.43
N PHE A 241 -14.60 -12.31 4.61
CA PHE A 241 -14.21 -11.60 5.83
C PHE A 241 -12.82 -12.06 6.26
N VAL A 242 -11.93 -11.12 6.56
CA VAL A 242 -10.56 -11.45 7.00
C VAL A 242 -10.59 -11.51 8.52
N THR A 243 -10.79 -12.71 9.05
CA THR A 243 -11.00 -12.88 10.48
C THR A 243 -9.75 -12.43 11.23
N PRO A 244 -9.87 -11.53 12.21
CA PRO A 244 -8.70 -11.19 13.03
C PRO A 244 -8.11 -12.44 13.70
N THR A 245 -6.79 -12.56 13.60
CA THR A 245 -6.04 -13.73 14.00
C THR A 245 -4.72 -13.25 14.60
N PRO A 246 -4.37 -13.63 15.83
CA PRO A 246 -3.08 -13.19 16.38
C PRO A 246 -1.90 -13.77 15.61
N GLY A 247 -0.82 -13.01 15.55
CA GLY A 247 0.45 -13.52 15.08
C GLY A 247 0.60 -13.71 13.59
N VAL A 248 -0.13 -12.92 12.80
CA VAL A 248 0.00 -12.95 11.35
C VAL A 248 -0.10 -11.55 10.79
N TRP A 249 0.45 -11.41 9.58
CA TRP A 249 0.14 -10.32 8.65
C TRP A 249 -0.56 -10.93 7.45
N THR A 250 -1.40 -10.17 6.77
CA THR A 250 -1.96 -10.63 5.51
C THR A 250 -1.18 -10.06 4.35
N VAL A 251 -1.28 -10.73 3.20
CA VAL A 251 -0.57 -10.31 2.00
C VAL A 251 -1.49 -10.49 0.80
N PHE A 252 -1.62 -9.46 -0.02
CA PHE A 252 -2.31 -9.60 -1.29
C PHE A 252 -1.65 -8.73 -2.37
N PRO A 253 -1.88 -9.06 -3.64
CA PRO A 253 -1.26 -8.29 -4.71
C PRO A 253 -1.92 -6.93 -4.93
N GLY A 254 -1.09 -5.99 -5.42
CA GLY A 254 -1.54 -4.71 -5.90
C GLY A 254 -1.50 -4.61 -7.41
N ASP A 255 -1.81 -3.41 -7.88
CA ASP A 255 -2.05 -3.20 -9.31
C ASP A 255 -0.85 -3.60 -10.15
N ILE A 256 0.36 -3.32 -9.67
CA ILE A 256 1.54 -3.59 -10.49
C ILE A 256 1.68 -5.08 -10.73
N LEU A 257 1.38 -5.89 -9.73
CA LEU A 257 1.46 -7.34 -9.96
C LEU A 257 0.39 -7.81 -10.93
N GLN A 258 -0.81 -7.25 -10.88
CA GLN A 258 -1.82 -7.61 -11.87
C GLN A 258 -1.33 -7.28 -13.28
N PHE A 259 -0.78 -6.09 -13.47
CA PHE A 259 -0.29 -5.70 -14.78
C PHE A 259 0.87 -6.58 -15.22
N MSE A 260 1.87 -6.75 -14.39
CA MSE A 260 3.06 -7.43 -14.83
C MSE A 260 2.78 -8.89 -15.13
O MSE A 260 3.37 -9.45 -16.06
CB MSE A 260 4.19 -7.33 -13.79
CG MSE A 260 4.76 -5.92 -13.68
SE MSE A 260 6.33 -5.72 -12.62
CE MSE A 260 7.54 -6.79 -13.70
H MSE A 260 1.88 -6.48 -13.56
HA MSE A 260 3.38 -7.01 -15.64
HB2 MSE A 260 3.84 -7.58 -12.92
HB3 MSE A 260 4.92 -7.92 -14.05
HG2 MSE A 260 4.97 -5.60 -14.58
HG3 MSE A 260 4.07 -5.34 -13.30
HE1 MSE A 260 8.42 -6.79 -13.27
HE2 MSE A 260 7.21 -7.70 -13.75
HE3 MSE A 260 7.61 -6.40 -14.59
N THR A 261 1.86 -9.52 -14.38
CA THR A 261 1.54 -10.92 -14.61
C THR A 261 0.41 -11.11 -15.62
N GLY A 262 -0.05 -10.05 -16.27
CA GLY A 262 -1.11 -10.18 -17.23
C GLY A 262 -2.39 -10.75 -16.66
N GLY A 263 -2.66 -10.49 -15.38
CA GLY A 263 -3.86 -11.01 -14.75
C GLY A 263 -3.73 -12.39 -14.17
N GLN A 264 -2.58 -13.04 -14.29
CA GLN A 264 -2.43 -14.32 -13.60
C GLN A 264 -2.53 -14.13 -12.09
N LEU A 265 -2.05 -13.00 -11.60
CA LEU A 265 -2.41 -12.49 -10.29
C LEU A 265 -3.31 -11.29 -10.50
N LEU A 266 -4.26 -11.11 -9.60
CA LEU A 266 -5.16 -9.97 -9.64
C LEU A 266 -4.94 -9.09 -8.42
N SER A 267 -5.01 -7.78 -8.63
CA SER A 267 -4.94 -6.83 -7.52
C SER A 267 -6.20 -7.03 -6.70
N THR A 268 -6.08 -7.47 -5.45
CA THR A 268 -7.25 -7.95 -4.71
C THR A 268 -8.17 -6.80 -4.32
N PRO A 269 -9.42 -6.78 -4.78
CA PRO A 269 -10.36 -5.77 -4.28
C PRO A 269 -10.65 -6.01 -2.81
N HIS A 270 -10.81 -4.90 -2.08
CA HIS A 270 -11.05 -5.01 -0.64
C HIS A 270 -11.76 -3.76 -0.18
N LYS A 271 -12.38 -3.88 0.99
CA LYS A 271 -13.19 -2.83 1.58
C LYS A 271 -13.20 -3.04 3.08
N VAL A 272 -13.60 -2.00 3.81
CA VAL A 272 -13.68 -2.07 5.26
C VAL A 272 -15.04 -1.57 5.70
N LYS A 273 -15.65 -2.32 6.60
CA LYS A 273 -16.91 -1.92 7.21
C LYS A 273 -16.67 -1.53 8.66
N LEU A 274 -17.32 -0.46 9.08
CA LEU A 274 -17.23 -0.04 10.47
C LEU A 274 -17.86 -1.11 11.37
N ASN A 275 -17.29 -1.28 12.55
CA ASN A 275 -17.78 -2.24 13.54
C ASN A 275 -18.36 -1.48 14.73
N THR A 276 -18.77 -2.23 15.75
CA THR A 276 -19.37 -1.61 16.92
C THR A 276 -18.33 -0.97 17.84
N ARG A 277 -17.05 -1.28 17.64
N ARG A 277 -17.05 -1.26 17.63
CA ARG A 277 -15.96 -0.63 18.34
CA ARG A 277 -15.93 -0.65 18.36
C ARG A 277 -15.02 -0.02 17.30
C ARG A 277 -14.93 -0.12 17.35
N GLU A 278 -14.18 0.90 17.76
CA GLU A 278 -13.12 1.44 16.92
C GLU A 278 -12.14 0.33 16.56
N ARG A 279 -11.51 0.45 15.40
CA ARG A 279 -10.65 -0.59 14.85
C ARG A 279 -9.34 0.03 14.36
N PHE A 280 -8.23 -0.54 14.80
CA PHE A 280 -6.90 -0.11 14.36
C PHE A 280 -6.33 -1.12 13.37
N ALA A 281 -5.73 -0.62 12.31
CA ALA A 281 -5.09 -1.44 11.30
C ALA A 281 -3.94 -0.66 10.69
N CYS A 282 -3.03 -1.39 10.07
CA CYS A 282 -1.94 -0.79 9.30
C CYS A 282 -1.84 -1.52 7.99
N ALA A 283 -1.77 -0.78 6.89
CA ALA A 283 -1.59 -1.37 5.57
C ALA A 283 -0.31 -0.83 4.98
N TYR A 284 0.59 -1.74 4.63
CA TYR A 284 1.91 -1.42 4.11
C TYR A 284 1.99 -1.80 2.64
N PHE A 285 2.60 -0.93 1.84
CA PHE A 285 2.65 -1.04 0.39
C PHE A 285 4.10 -1.17 -0.01
N HIS A 286 4.46 -2.34 -0.55
CA HIS A 286 5.81 -2.63 -1.00
C HIS A 286 5.82 -2.35 -2.49
N GLU A 287 6.49 -1.27 -2.88
CA GLU A 287 6.30 -0.63 -4.17
C GLU A 287 7.60 -0.61 -4.98
N PRO A 288 7.48 -0.50 -6.30
CA PRO A 288 8.64 -0.15 -7.12
C PRO A 288 9.23 1.20 -6.73
N ASN A 289 10.47 1.41 -7.15
CA ASN A 289 11.03 2.75 -7.18
C ASN A 289 10.10 3.70 -7.92
N PHE A 290 10.04 4.95 -7.44
CA PHE A 290 9.21 5.97 -8.06
C PHE A 290 9.50 6.11 -9.55
N GLU A 291 10.75 5.89 -9.95
CA GLU A 291 11.15 6.04 -11.34
C GLU A 291 11.06 4.76 -12.16
N ALA A 292 10.68 3.64 -11.57
CA ALA A 292 10.66 2.38 -12.29
C ALA A 292 9.42 2.27 -13.16
N SER A 293 9.57 1.55 -14.27
CA SER A 293 8.47 1.24 -15.17
C SER A 293 8.21 -0.25 -15.13
N ALA A 294 7.01 -0.61 -14.70
CA ALA A 294 6.57 -1.98 -14.76
C ALA A 294 6.28 -2.37 -16.21
N TYR A 295 6.45 -3.65 -16.52
CA TYR A 295 6.33 -4.16 -17.87
C TYR A 295 5.68 -5.54 -17.81
N PRO A 296 5.02 -5.96 -18.90
N PRO A 296 5.04 -5.97 -18.91
CA PRO A 296 4.43 -7.30 -18.91
CA PRO A 296 4.41 -7.31 -18.92
C PRO A 296 5.52 -8.36 -18.94
C PRO A 296 5.48 -8.40 -18.97
N LEU A 297 5.42 -9.30 -17.99
CA LEU A 297 6.43 -10.34 -17.87
C LEU A 297 6.28 -11.42 -18.93
N PHE A 298 5.07 -11.71 -19.34
CA PHE A 298 4.79 -12.88 -20.16
C PHE A 298 4.46 -12.50 -21.59
N GLU A 299 4.62 -11.22 -21.96
CA GLU A 299 4.41 -10.74 -23.33
C GLU A 299 5.54 -9.79 -23.66
N PRO A 300 6.71 -10.32 -24.04
CA PRO A 300 7.86 -9.44 -24.31
C PRO A 300 7.66 -8.45 -25.44
N SER A 301 6.75 -8.72 -26.37
CA SER A 301 6.49 -7.79 -27.46
C SER A 301 5.46 -6.73 -27.10
N ALA A 302 4.81 -6.84 -25.94
CA ALA A 302 3.82 -5.84 -25.56
C ALA A 302 4.51 -4.56 -25.13
N ASN A 303 4.02 -3.43 -25.63
CA ASN A 303 4.62 -2.12 -25.39
C ASN A 303 4.02 -1.37 -24.20
N GLU A 304 2.91 -1.84 -23.64
CA GLU A 304 2.33 -1.18 -22.47
C GLU A 304 3.33 -1.16 -21.31
N ARG A 305 3.33 -0.04 -20.58
CA ARG A 305 4.17 0.12 -19.40
C ARG A 305 3.39 0.90 -18.35
N ILE A 306 3.78 0.75 -17.09
CA ILE A 306 3.28 1.62 -16.02
C ILE A 306 4.48 2.28 -15.38
N HIS A 307 4.57 3.60 -15.50
CA HIS A 307 5.53 4.36 -14.71
C HIS A 307 4.99 4.45 -13.30
N TYR A 308 5.68 3.82 -12.34
CA TYR A 308 5.07 3.63 -11.03
C TYR A 308 4.79 4.96 -10.34
N GLY A 309 5.76 5.88 -10.35
CA GLY A 309 5.55 7.15 -9.68
C GLY A 309 4.39 7.92 -10.25
N GLU A 310 4.19 7.84 -11.56
CA GLU A 310 3.05 8.47 -12.20
C GLU A 310 1.73 7.86 -11.70
N HIS A 311 1.69 6.53 -11.57
CA HIS A 311 0.51 5.87 -11.03
C HIS A 311 0.24 6.30 -9.58
N PHE A 312 1.28 6.27 -8.73
CA PHE A 312 1.14 6.75 -7.36
C PHE A 312 0.60 8.18 -7.32
N THR A 313 1.22 9.06 -8.09
CA THR A 313 0.82 10.46 -8.06
C THR A 313 -0.62 10.63 -8.51
N ASN A 314 -1.02 9.96 -9.60
CA ASN A 314 -2.40 10.04 -10.05
C ASN A 314 -3.34 9.56 -8.98
N MSE A 315 -3.01 8.46 -8.32
CA MSE A 315 -3.91 7.91 -7.32
C MSE A 315 -4.06 8.85 -6.15
O MSE A 315 -5.18 9.08 -5.69
CB MSE A 315 -3.40 6.54 -6.86
CG MSE A 315 -3.44 5.45 -7.92
SE MSE A 315 -5.21 5.12 -8.63
CE MSE A 315 -5.01 6.14 -10.26
H MSE A 315 -2.29 8.02 -8.42
HA MSE A 315 -4.78 7.77 -7.74
HB2 MSE A 315 -2.48 6.64 -6.56
HB3 MSE A 315 -3.95 6.24 -6.11
HG2 MSE A 315 -2.86 5.72 -8.66
HG3 MSE A 315 -3.11 4.63 -7.52
HE1 MSE A 315 -5.83 6.08 -10.76
HE2 MSE A 315 -4.82 7.06 -10.03
HE3 MSE A 315 -4.28 5.76 -10.78
N PHE A 316 -2.96 9.37 -5.63
CA PHE A 316 -3.07 10.22 -4.46
C PHE A 316 -3.77 11.54 -4.79
N MSE A 317 -3.63 12.04 -6.00
CA MSE A 317 -4.41 13.21 -6.40
C MSE A 317 -5.89 12.90 -6.43
O MSE A 317 -6.70 13.75 -6.08
CB MSE A 317 -3.93 13.75 -7.75
CG MSE A 317 -2.51 14.29 -7.70
SE MSE A 317 -1.89 14.89 -9.44
CE MSE A 317 -2.74 16.65 -9.49
H MSE A 317 -3.10 11.74 -6.60
HA MSE A 317 -4.26 13.91 -5.74
HB2 MSE A 317 -3.94 13.03 -8.39
HB3 MSE A 317 -4.51 14.47 -8.03
HG2 MSE A 317 -2.47 15.05 -7.09
HG3 MSE A 317 -1.91 13.59 -7.40
HE1 MSE A 317 -2.52 17.08 -10.33
HE2 MSE A 317 -3.70 16.53 -9.43
HE3 MSE A 317 -2.42 17.17 -8.75
N ARG A 318 -6.28 11.69 -6.85
CA ARG A 318 -7.70 11.38 -6.89
C ARG A 318 -8.26 11.09 -5.50
N CYS A 319 -7.42 10.58 -4.58
CA CYS A 319 -7.85 10.34 -3.21
C CYS A 319 -8.07 11.64 -2.46
N TYR A 320 -7.26 12.65 -2.76
CA TYR A 320 -7.14 13.85 -1.93
C TYR A 320 -7.20 15.08 -2.81
N PRO A 321 -8.33 15.30 -3.48
CA PRO A 321 -8.38 16.38 -4.49
C PRO A 321 -8.14 17.77 -3.93
N ASP A 322 -8.44 18.02 -2.66
CA ASP A 322 -8.34 19.35 -2.09
C ASP A 322 -7.22 19.49 -1.07
N ARG A 323 -6.40 18.47 -0.90
CA ARG A 323 -5.30 18.54 0.03
C ARG A 323 -4.25 19.54 -0.47
N ILE A 324 -3.56 20.19 0.48
CA ILE A 324 -2.56 21.17 0.09
C ILE A 324 -1.50 20.55 -0.83
N THR A 325 -1.22 19.26 -0.66
CA THR A 325 -0.25 18.60 -1.53
C THR A 325 -0.71 18.65 -2.98
N THR A 326 -1.98 18.31 -3.19
CA THR A 326 -2.56 18.31 -4.53
C THR A 326 -2.61 19.73 -5.09
N GLN A 327 -2.99 20.70 -4.25
CA GLN A 327 -3.04 22.09 -4.68
C GLN A 327 -1.68 22.55 -5.17
N ARG A 328 -0.62 22.17 -4.46
CA ARG A 328 0.70 22.62 -4.85
C ARG A 328 1.21 21.90 -6.09
N ILE A 329 0.84 20.63 -6.27
CA ILE A 329 1.13 19.95 -7.54
C ILE A 329 0.55 20.73 -8.71
N ASN A 330 -0.73 21.11 -8.59
CA ASN A 330 -1.38 21.88 -9.65
C ASN A 330 -0.75 23.27 -9.80
N LYS A 331 -0.55 23.97 -8.68
CA LYS A 331 -0.07 25.35 -8.75
C LYS A 331 1.31 25.44 -9.39
N GLU A 332 2.23 24.57 -9.01
CA GLU A 332 3.59 24.61 -9.53
C GLU A 332 3.77 23.74 -10.77
N ASN A 333 2.70 23.13 -11.27
CA ASN A 333 2.75 22.26 -12.45
C ASN A 333 3.76 21.14 -12.25
N ARG A 334 3.66 20.44 -11.11
CA ARG A 334 4.66 19.43 -10.78
C ARG A 334 4.49 18.15 -11.58
N LEU A 335 3.32 17.91 -12.17
CA LEU A 335 3.20 16.77 -13.07
C LEU A 335 4.08 16.95 -14.31
N ALA A 336 4.48 18.19 -14.61
CA ALA A 336 5.42 18.41 -15.71
C ALA A 336 6.82 17.94 -15.33
N HIS A 337 7.29 18.31 -14.13
CA HIS A 337 8.52 17.73 -13.61
C HIS A 337 8.51 16.22 -13.75
N LEU A 338 7.32 15.61 -13.57
CA LEU A 338 7.21 14.16 -13.62
C LEU A 338 7.52 13.63 -15.01
N GLU A 339 7.01 14.30 -16.05
CA GLU A 339 7.38 13.93 -17.41
C GLU A 339 8.84 14.26 -17.71
N ASP A 340 9.37 15.34 -17.11
CA ASP A 340 10.76 15.72 -17.36
C ASP A 340 11.74 14.79 -16.66
N LEU A 341 11.47 14.41 -15.41
CA LEU A 341 12.38 13.51 -14.71
C LEU A 341 12.48 12.17 -15.40
N LYS A 342 11.47 11.78 -16.18
CA LYS A 342 11.55 10.54 -16.94
C LYS A 342 12.76 10.54 -17.86
N LYS A 343 13.14 11.71 -18.39
CA LYS A 343 14.21 11.80 -19.36
C LYS A 343 15.48 12.46 -18.85
N TYR A 344 15.44 13.19 -17.73
CA TYR A 344 16.60 13.95 -17.30
C TYR A 344 17.02 13.71 -15.86
N SER A 345 16.37 12.81 -15.13
CA SER A 345 16.79 12.49 -13.77
C SER A 345 18.26 12.08 -13.74
N ASP A 346 18.96 12.48 -12.67
CA ASP A 346 20.34 12.10 -12.44
C ASP A 346 20.50 11.21 -11.21
N THR A 347 19.40 10.64 -10.71
CA THR A 347 19.48 9.78 -9.52
C THR A 347 20.19 8.46 -9.80
N ARG A 348 20.26 8.05 -11.07
CA ARG A 348 20.80 6.75 -11.47
C ARG A 348 19.94 5.58 -11.02
N ALA A 349 18.69 5.84 -10.61
CA ALA A 349 17.79 4.74 -10.25
C ALA A 349 17.47 3.88 -11.46
N THR A 350 17.42 4.49 -12.64
CA THR A 350 17.18 3.81 -13.91
C THR A 350 18.18 4.35 -14.93
N GLY A 351 18.31 3.64 -16.05
CA GLY A 351 19.11 4.10 -17.17
C GLY A 351 20.62 3.99 -16.94
N SER A 352 21.38 4.25 -18.00
CA SER A 352 22.85 4.25 -17.90
C SER A 352 23.39 5.46 -17.15
MN MN B . -6.34 -0.69 0.41
C1 AKG C . -6.02 0.61 3.02
O1 AKG C . -5.65 0.64 1.82
O2 AKG C . -5.71 1.49 3.86
C2 AKG C . -6.89 -0.56 3.42
O5 AKG C . -7.23 -1.26 2.54
C3 AKG C . -7.33 -0.77 4.86
C4 AKG C . -7.04 -2.20 5.33
C5 AKG C . -7.61 -2.46 6.71
O3 AKG C . -7.45 -3.57 7.28
O4 AKG C . -8.27 -1.55 7.27
H31 AKG C . -6.85 -0.16 5.44
H32 AKG C . -8.28 -0.60 4.94
H41 AKG C . -6.08 -2.34 5.35
H42 AKG C . -7.43 -2.83 4.70
N HAR D . -9.33 6.24 -2.15
CA HAR D . -8.54 5.19 -2.80
C HAR D . -8.82 5.23 -4.29
O HAR D . -8.12 4.52 -5.08
CB HAR D . -8.93 3.83 -2.24
CG HAR D . -8.51 3.64 -0.77
CD HAR D . -7.01 3.33 -0.61
NE HAR D . -6.20 4.53 -0.60
CZ HAR D . -4.78 4.40 -0.80
NH1 HAR D . -4.00 5.60 -0.80
NH2 HAR D . -4.21 3.31 -1.00
OH1 HAR D . -4.66 6.80 -0.55
OXT HAR D . -9.76 5.93 -4.73
H2 HAR D . -8.98 6.43 -1.36
H HAR D . -9.33 6.95 -2.64
HA HAR D . -7.60 5.35 -2.64
HB2 HAR D . -8.50 3.14 -2.77
HB3 HAR D . -9.89 3.73 -2.30
HG2 HAR D . -9.03 2.92 -0.38
HG3 HAR D . -8.71 4.46 -0.28
HD2 HAR D . -6.73 2.76 -1.36
HD3 HAR D . -6.87 2.84 0.21
HE HAR D . -6.57 5.30 -0.46
HH1 HAR D . -3.14 5.58 -0.91
HO1 HAR D . -4.96 7.11 -1.28
#